data_7ZJM
#
_entry.id   7ZJM
#
_cell.length_a   42.098
_cell.length_b   71.069
_cell.length_c   147.746
_cell.angle_alpha   90.000
_cell.angle_beta   90.000
_cell.angle_gamma   90.000
#
_symmetry.space_group_name_H-M   'P 21 21 21'
#
loop_
_entity.id
_entity.type
_entity.pdbx_description
1 polymer CspZ
2 polymer 'Complement factor H'
3 non-polymer 'ZINC ION'
4 non-polymer IMIDAZOLE
5 non-polymer DI(HYDROXYETHYL)ETHER
6 water water
#
loop_
_entity_poly.entity_id
_entity_poly.type
_entity_poly.pdbx_seq_one_letter_code
_entity_poly.pdbx_strand_id
1 'polypeptide(L)'
;GAMGRLNQRNINELKIFFEKAKYYSIKLDAIYNEYTEAYNDIMTYSEVNNVTDSDKSKVNQAISILKKDNKIVNKFKELE
KIIEEYKPIFLSKLIDDFAIELDQAVDNDVSNARHVADSYKKLRKSVVLAYIESFDVISSKFVDSKFVEASKKFVNKAKE
FVEENDLIALECIVKTIGDMVNDREINSRSRYDNFYKKEADFLGAAVELEGAYKAIKQTLL
;
A
2 'polypeptide(L)'
;TLKPCDYPDIKHGGLYHENMRRPYFPVAVGKYYSYYCDEHFETPSGSYWDHIHCTQDGWSPAVPCLRKCYFPYLENGYNQ
NHGRKFVQGKSIDVACHPGYALPKAQTTVTCMENGWSPTPRCIR
;
B
#
loop_
_chem_comp.id
_chem_comp.type
_chem_comp.name
_chem_comp.formula
IMD non-polymer IMIDAZOLE 'C3 H5 N2 1'
PEG non-polymer DI(HYDROXYETHYL)ETHER 'C4 H10 O3'
ZN non-polymer 'ZINC ION' 'Zn 2'
#
# COMPACT_ATOMS: atom_id res chain seq x y z
N ALA A 2 36.74 28.38 17.25
CA ALA A 2 36.73 26.95 16.84
C ALA A 2 35.38 26.28 17.17
N MET A 3 34.93 26.35 18.42
CA MET A 3 33.61 25.81 18.80
C MET A 3 32.52 26.37 17.87
N GLY A 4 32.65 27.65 17.50
CA GLY A 4 31.67 28.30 16.61
C GLY A 4 31.99 28.05 15.16
N ARG A 5 33.25 27.73 14.84
CA ARG A 5 33.58 27.39 13.43
C ARG A 5 33.04 25.98 13.20
N LEU A 6 32.96 25.18 14.26
CA LEU A 6 32.36 23.83 14.16
C LEU A 6 30.84 23.97 14.07
N ASN A 7 30.25 24.65 15.05
CA ASN A 7 28.78 24.78 15.09
C ASN A 7 28.30 25.46 13.81
N GLN A 8 29.10 26.33 13.21
CA GLN A 8 28.72 26.99 11.94
C GLN A 8 28.66 25.96 10.83
N ARG A 9 29.71 25.15 10.72
CA ARG A 9 29.74 24.08 9.71
C ARG A 9 28.61 23.09 10.00
N ASN A 10 28.38 22.78 11.27
CA ASN A 10 27.32 21.81 11.68
C ASN A 10 25.95 22.35 11.27
N ILE A 11 25.73 23.66 11.43
CA ILE A 11 24.45 24.31 11.02
C ILE A 11 24.34 24.26 9.51
N ASN A 12 25.46 24.43 8.82
CA ASN A 12 25.51 24.45 7.33
C ASN A 12 25.30 23.02 6.81
N GLU A 13 25.87 22.01 7.48
CA GLU A 13 25.73 20.58 7.08
C GLU A 13 24.24 20.22 7.14
N LEU A 14 23.60 20.46 8.29
CA LEU A 14 22.15 20.21 8.49
C LEU A 14 21.31 20.95 7.43
N LYS A 15 21.62 22.21 7.13
CA LYS A 15 20.87 22.98 6.09
C LYS A 15 21.09 22.32 4.72
N ILE A 16 22.32 21.93 4.38
CA ILE A 16 22.61 21.27 3.06
C ILE A 16 21.84 19.93 2.98
N PHE A 17 21.81 19.14 4.07
CA PHE A 17 20.97 17.93 4.18
C PHE A 17 19.51 18.27 3.84
N PHE A 18 18.86 19.17 4.60
CA PHE A 18 17.42 19.45 4.42
C PHE A 18 17.13 19.81 2.95
N GLU A 19 17.90 20.70 2.33
CA GLU A 19 17.65 21.15 0.92
C GLU A 19 17.80 19.98 -0.06
N LYS A 20 18.85 19.18 0.14
CA LYS A 20 19.14 18.00 -0.71
C LYS A 20 17.97 17.01 -0.56
N ALA A 21 17.44 16.80 0.64
CA ALA A 21 16.43 15.76 0.95
C ALA A 21 15.03 16.37 1.15
N LYS A 22 14.84 17.61 0.71
CA LYS A 22 13.57 18.39 0.86
C LYS A 22 12.36 17.52 0.45
N TYR A 23 12.54 16.64 -0.54
CA TYR A 23 11.44 15.99 -1.32
C TYR A 23 11.28 14.51 -0.96
N TYR A 24 12.05 14.03 0.01
CA TYR A 24 12.21 12.59 0.37
C TYR A 24 10.84 12.01 0.74
N SER A 25 10.06 12.75 1.55
CA SER A 25 8.72 12.30 2.01
C SER A 25 7.80 12.20 0.79
N ILE A 26 7.72 13.27 0.00
CA ILE A 26 6.88 13.34 -1.22
C ILE A 26 7.29 12.20 -2.19
N LYS A 27 8.58 11.95 -2.36
CA LYS A 27 9.07 10.95 -3.36
C LYS A 27 8.70 9.55 -2.88
N LEU A 28 8.78 9.28 -1.57
CA LEU A 28 8.48 7.93 -1.02
C LEU A 28 6.98 7.67 -1.16
N ASP A 29 6.17 8.71 -0.99
CA ASP A 29 4.68 8.64 -1.09
C ASP A 29 4.29 8.33 -2.54
N ALA A 30 4.88 8.99 -3.53
CA ALA A 30 4.63 8.70 -4.96
C ALA A 30 4.88 7.20 -5.24
N ILE A 31 5.92 6.61 -4.63
CA ILE A 31 6.22 5.15 -4.78
C ILE A 31 5.08 4.36 -4.12
N TYR A 32 4.84 4.58 -2.83
CA TYR A 32 3.72 3.97 -2.08
C TYR A 32 2.45 3.96 -2.96
N ASN A 33 2.06 5.13 -3.49
CA ASN A 33 0.77 5.35 -4.20
C ASN A 33 0.74 4.53 -5.51
N GLU A 34 1.85 4.47 -6.24
CA GLU A 34 1.90 3.75 -7.53
C GLU A 34 1.76 2.23 -7.28
N TYR A 35 2.29 1.73 -6.17
CA TYR A 35 2.48 0.27 -5.97
C TYR A 35 1.55 -0.32 -4.90
N THR A 36 0.62 0.45 -4.31
CA THR A 36 -0.23 -0.02 -3.17
C THR A 36 -1.25 -1.04 -3.68
N GLU A 37 -1.86 -0.83 -4.84
CA GLU A 37 -2.90 -1.76 -5.39
C GLU A 37 -2.26 -3.14 -5.57
N ALA A 38 -1.10 -3.21 -6.24
CA ALA A 38 -0.31 -4.45 -6.41
C ALA A 38 -0.10 -5.14 -5.05
N TYR A 39 0.51 -4.43 -4.08
CA TYR A 39 0.82 -4.94 -2.72
C TYR A 39 -0.47 -5.50 -2.08
N ASN A 40 -1.56 -4.75 -2.18
CA ASN A 40 -2.91 -5.19 -1.72
C ASN A 40 -3.28 -6.51 -2.43
N ASP A 41 -3.16 -6.59 -3.75
CA ASP A 41 -3.62 -7.80 -4.50
C ASP A 41 -2.80 -9.00 -3.98
N ILE A 42 -1.48 -8.84 -3.83
CA ILE A 42 -0.58 -9.95 -3.39
C ILE A 42 -1.00 -10.40 -1.99
N MET A 43 -1.26 -9.46 -1.07
CA MET A 43 -1.57 -9.80 0.34
C MET A 43 -2.93 -10.49 0.42
N THR A 44 -3.87 -10.10 -0.46
CA THR A 44 -5.28 -10.55 -0.44
C THR A 44 -5.36 -12.04 -0.78
N TYR A 45 -4.58 -12.48 -1.78
CA TYR A 45 -4.61 -13.89 -2.24
C TYR A 45 -3.29 -14.60 -1.92
N SER A 46 -2.80 -14.50 -0.68
CA SER A 46 -1.54 -15.16 -0.24
C SER A 46 -1.66 -15.52 1.24
N GLU A 47 -2.79 -15.20 1.87
CA GLU A 47 -3.02 -15.57 3.28
C GLU A 47 -3.18 -17.09 3.38
N VAL A 48 -2.57 -17.71 4.40
CA VAL A 48 -2.66 -19.18 4.59
C VAL A 48 -4.04 -19.51 5.18
N ASN A 49 -4.76 -18.53 5.72
CA ASN A 49 -6.15 -18.79 6.18
C ASN A 49 -7.00 -19.07 4.94
N ASN A 50 -6.51 -18.69 3.76
CA ASN A 50 -7.18 -19.07 2.48
C ASN A 50 -8.58 -18.47 2.35
N VAL A 51 -9.58 -19.33 2.02
CA VAL A 51 -11.00 -18.88 1.88
C VAL A 51 -11.05 -17.57 1.05
N THR A 52 -10.56 -17.61 -0.18
CA THR A 52 -10.56 -16.43 -1.08
C THR A 52 -10.15 -16.97 -2.45
N ASP A 53 -10.64 -18.15 -2.83
CA ASP A 53 -10.18 -18.79 -4.09
C ASP A 53 -8.67 -18.62 -4.12
N SER A 54 -8.14 -18.04 -5.19
CA SER A 54 -6.70 -17.73 -5.28
C SER A 54 -6.40 -17.32 -6.72
N ASP A 55 -6.91 -16.16 -7.14
CA ASP A 55 -6.56 -15.69 -8.50
C ASP A 55 -5.05 -15.57 -8.48
N LYS A 56 -4.36 -16.50 -9.13
CA LYS A 56 -2.88 -16.47 -9.19
C LYS A 56 -2.50 -15.54 -10.33
N SER A 57 -3.49 -15.12 -11.11
CA SER A 57 -3.25 -14.20 -12.25
C SER A 57 -3.29 -12.77 -11.74
N LYS A 58 -4.02 -12.54 -10.66
CA LYS A 58 -4.00 -11.20 -10.03
C LYS A 58 -2.64 -11.05 -9.34
N VAL A 59 -2.18 -12.10 -8.68
CA VAL A 59 -0.85 -12.07 -8.00
C VAL A 59 0.24 -11.99 -9.07
N ASN A 60 0.09 -12.75 -10.15
CA ASN A 60 1.06 -12.66 -11.27
C ASN A 60 1.04 -11.26 -11.87
N GLN A 61 -0.12 -10.60 -11.96
CA GLN A 61 -0.20 -9.23 -12.55
C GLN A 61 0.44 -8.20 -11.59
N ALA A 62 0.22 -8.32 -10.28
CA ALA A 62 0.80 -7.42 -9.26
C ALA A 62 2.34 -7.49 -9.31
N ILE A 63 2.90 -8.68 -9.52
CA ILE A 63 4.38 -8.92 -9.61
C ILE A 63 4.93 -8.25 -10.86
N SER A 64 4.20 -8.31 -11.98
CA SER A 64 4.57 -7.69 -13.27
C SER A 64 4.57 -6.17 -13.14
N ILE A 65 3.54 -5.63 -12.47
CA ILE A 65 3.39 -4.17 -12.21
C ILE A 65 4.63 -3.70 -11.44
N LEU A 66 5.04 -4.53 -10.46
CA LEU A 66 6.19 -4.32 -9.53
C LEU A 66 7.53 -4.35 -10.27
N LYS A 67 7.67 -5.26 -11.25
CA LYS A 67 8.96 -5.55 -11.96
C LYS A 67 9.18 -4.59 -13.13
N LYS A 68 8.08 -4.10 -13.73
CA LYS A 68 8.03 -3.38 -15.04
C LYS A 68 9.15 -2.33 -15.15
N ASP A 69 9.97 -2.40 -16.22
CA ASP A 69 10.97 -1.38 -16.65
C ASP A 69 11.96 -1.10 -15.51
N ASN A 70 12.09 -2.05 -14.57
CA ASN A 70 12.93 -2.00 -13.34
C ASN A 70 12.66 -0.70 -12.56
N LYS A 71 11.45 -0.13 -12.68
CA LYS A 71 11.10 1.26 -12.26
C LYS A 71 11.26 1.45 -10.75
N ILE A 72 10.57 0.66 -9.93
CA ILE A 72 10.54 0.82 -8.45
C ILE A 72 11.98 0.87 -7.89
N VAL A 73 12.87 0.04 -8.43
CA VAL A 73 14.31 0.01 -8.06
C VAL A 73 14.92 1.36 -8.44
N ASN A 74 14.64 1.86 -9.64
CA ASN A 74 15.13 3.19 -10.10
C ASN A 74 14.61 4.27 -9.13
N LYS A 75 13.38 4.12 -8.63
CA LYS A 75 12.74 5.10 -7.72
C LYS A 75 13.38 5.03 -6.32
N PHE A 76 13.72 3.85 -5.82
CA PHE A 76 14.36 3.77 -4.50
C PHE A 76 15.82 4.24 -4.55
N LYS A 77 16.48 4.10 -5.69
CA LYS A 77 17.92 4.44 -5.82
C LYS A 77 18.09 5.96 -5.81
N GLU A 78 17.08 6.69 -6.28
CA GLU A 78 17.08 8.17 -6.23
C GLU A 78 17.13 8.61 -4.78
N LEU A 79 16.38 7.94 -3.92
CA LEU A 79 16.36 8.26 -2.46
C LEU A 79 17.71 7.89 -1.85
N GLU A 80 18.29 6.77 -2.27
CA GLU A 80 19.62 6.33 -1.78
C GLU A 80 20.69 7.34 -2.22
N LYS A 81 20.52 7.97 -3.38
CA LYS A 81 21.48 8.98 -3.88
C LYS A 81 21.42 10.25 -3.01
N ILE A 82 20.23 10.67 -2.58
CA ILE A 82 20.08 11.93 -1.80
C ILE A 82 20.79 11.81 -0.46
N ILE A 83 20.72 10.65 0.16
CA ILE A 83 21.31 10.46 1.52
C ILE A 83 22.79 10.07 1.48
N GLU A 84 23.37 10.02 0.29
CA GLU A 84 24.66 9.31 0.03
C GLU A 84 25.80 9.83 0.91
N GLU A 85 25.97 11.14 1.04
CA GLU A 85 27.10 11.71 1.84
C GLU A 85 27.11 11.07 3.22
N TYR A 86 25.99 10.48 3.64
CA TYR A 86 25.87 9.94 5.03
C TYR A 86 25.93 8.41 4.96
N LYS A 87 26.20 7.87 3.77
CA LYS A 87 26.40 6.40 3.57
C LYS A 87 25.15 5.58 3.86
N PRO A 88 24.24 5.39 2.89
CA PRO A 88 23.11 4.48 3.07
C PRO A 88 23.60 3.11 2.59
N ILE A 89 24.71 2.62 3.15
CA ILE A 89 25.31 1.33 2.70
C ILE A 89 24.33 0.19 2.94
N PHE A 90 23.66 0.17 4.09
CA PHE A 90 22.61 -0.86 4.28
C PHE A 90 21.59 -0.71 3.16
N LEU A 91 21.15 0.51 2.91
CA LEU A 91 20.09 0.77 1.90
C LEU A 91 20.52 0.26 0.52
N SER A 92 21.73 0.59 0.06
CA SER A 92 22.09 0.20 -1.32
C SER A 92 21.94 -1.32 -1.47
N LYS A 93 22.40 -2.08 -0.47
CA LYS A 93 22.32 -3.56 -0.52
C LYS A 93 20.87 -4.01 -0.51
N LEU A 94 20.03 -3.41 0.34
CA LEU A 94 18.63 -3.87 0.49
C LEU A 94 17.86 -3.58 -0.81
N ILE A 95 18.32 -2.59 -1.58
CA ILE A 95 17.68 -2.27 -2.87
C ILE A 95 18.22 -3.26 -3.89
N ASP A 96 19.53 -3.42 -3.91
CA ASP A 96 20.18 -4.40 -4.83
C ASP A 96 19.57 -5.79 -4.57
N ASP A 97 19.46 -6.20 -3.30
CA ASP A 97 18.84 -7.49 -2.86
C ASP A 97 17.36 -7.56 -3.33
N PHE A 98 16.58 -6.52 -3.12
CA PHE A 98 15.14 -6.49 -3.48
C PHE A 98 14.99 -6.57 -5.02
N ALA A 99 15.92 -5.99 -5.78
CA ALA A 99 15.96 -6.03 -7.27
C ALA A 99 16.13 -7.49 -7.73
N ILE A 100 17.02 -8.23 -7.05
CA ILE A 100 17.28 -9.68 -7.27
C ILE A 100 16.00 -10.44 -6.92
N GLU A 101 15.31 -10.04 -5.85
CA GLU A 101 14.04 -10.64 -5.40
C GLU A 101 13.00 -10.53 -6.53
N LEU A 102 12.94 -9.38 -7.20
CA LEU A 102 12.08 -9.15 -8.40
C LEU A 102 12.55 -9.99 -9.59
N ASP A 103 13.87 -10.08 -9.84
CA ASP A 103 14.44 -10.88 -10.95
C ASP A 103 14.08 -12.37 -10.74
N GLN A 104 14.14 -12.88 -9.50
CA GLN A 104 14.05 -14.34 -9.16
C GLN A 104 12.63 -14.74 -8.75
N ALA A 105 11.61 -13.92 -9.07
CA ALA A 105 10.22 -14.13 -8.62
C ALA A 105 9.60 -15.27 -9.42
N VAL A 106 8.83 -16.13 -8.75
CA VAL A 106 8.20 -17.35 -9.33
C VAL A 106 6.72 -17.09 -9.58
N ASP A 107 6.37 -16.94 -10.87
CA ASP A 107 4.97 -16.99 -11.37
C ASP A 107 4.28 -18.23 -10.81
N ASN A 108 3.03 -18.08 -10.37
CA ASN A 108 2.08 -19.12 -9.91
C ASN A 108 2.50 -19.64 -8.53
N ASP A 109 3.36 -18.89 -7.82
CA ASP A 109 3.75 -19.17 -6.41
C ASP A 109 3.37 -17.96 -5.54
N VAL A 110 2.29 -18.08 -4.76
CA VAL A 110 1.67 -16.95 -4.00
C VAL A 110 2.57 -16.64 -2.80
N SER A 111 3.22 -17.67 -2.26
CA SER A 111 4.13 -17.58 -1.09
C SER A 111 5.38 -16.79 -1.46
N ASN A 112 5.90 -16.94 -2.69
CA ASN A 112 7.03 -16.13 -3.20
C ASN A 112 6.55 -14.67 -3.37
N ALA A 113 5.39 -14.48 -3.99
CA ALA A 113 4.74 -13.17 -4.22
C ALA A 113 4.66 -12.41 -2.89
N ARG A 114 4.17 -13.08 -1.84
CA ARG A 114 4.00 -12.52 -0.48
C ARG A 114 5.37 -12.07 0.06
N HIS A 115 6.39 -12.91 -0.18
CA HIS A 115 7.82 -12.70 0.20
C HIS A 115 8.42 -11.50 -0.57
N VAL A 116 8.10 -11.33 -1.85
CA VAL A 116 8.54 -10.11 -2.60
C VAL A 116 7.84 -8.89 -2.00
N ALA A 117 6.57 -9.05 -1.63
CA ALA A 117 5.72 -7.97 -1.10
C ALA A 117 6.18 -7.61 0.32
N ASP A 118 6.51 -8.61 1.15
CA ASP A 118 7.07 -8.38 2.50
C ASP A 118 8.41 -7.63 2.33
N SER A 119 9.21 -7.96 1.32
CA SER A 119 10.54 -7.35 1.10
C SER A 119 10.39 -5.88 0.73
N TYR A 120 9.43 -5.56 -0.14
CA TYR A 120 9.06 -4.17 -0.53
C TYR A 120 8.75 -3.35 0.74
N LYS A 121 7.87 -3.86 1.61
CA LYS A 121 7.42 -3.19 2.88
C LYS A 121 8.61 -2.91 3.81
N LYS A 122 9.52 -3.89 3.99
CA LYS A 122 10.71 -3.78 4.86
C LYS A 122 11.68 -2.79 4.23
N LEU A 123 11.87 -2.84 2.91
CA LEU A 123 12.75 -1.87 2.20
C LEU A 123 12.21 -0.46 2.45
N ARG A 124 10.90 -0.27 2.30
CA ARG A 124 10.26 1.07 2.36
C ARG A 124 10.53 1.71 3.74
N LYS A 125 10.51 0.93 4.83
CA LYS A 125 10.72 1.42 6.21
C LYS A 125 12.21 1.70 6.43
N SER A 126 13.10 0.90 5.83
CA SER A 126 14.56 1.13 5.78
C SER A 126 14.88 2.48 5.12
N VAL A 127 14.24 2.80 4.00
CA VAL A 127 14.42 4.11 3.32
C VAL A 127 14.11 5.22 4.32
N VAL A 128 13.05 5.03 5.11
CA VAL A 128 12.67 5.99 6.18
C VAL A 128 13.78 6.05 7.22
N LEU A 129 14.27 4.90 7.69
CA LEU A 129 15.27 4.82 8.79
C LEU A 129 16.57 5.49 8.33
N ALA A 130 16.93 5.35 7.04
CA ALA A 130 18.16 5.93 6.48
C ALA A 130 18.19 7.46 6.64
N TYR A 131 17.01 8.10 6.52
CA TYR A 131 16.84 9.56 6.69
C TYR A 131 17.15 9.91 8.15
N ILE A 132 16.55 9.19 9.08
CA ILE A 132 16.79 9.35 10.55
C ILE A 132 18.27 9.11 10.86
N GLU A 133 18.83 7.98 10.40
CA GLU A 133 20.26 7.60 10.59
C GLU A 133 21.15 8.71 10.01
N SER A 134 20.82 9.27 8.83
CA SER A 134 21.54 10.39 8.16
C SER A 134 21.55 11.64 9.06
N PHE A 135 20.44 11.93 9.72
CA PHE A 135 20.31 13.09 10.65
C PHE A 135 21.16 12.84 11.89
N ASP A 136 20.98 11.68 12.55
CA ASP A 136 21.76 11.29 13.78
C ASP A 136 23.26 11.48 13.52
N VAL A 137 23.74 11.19 12.31
CA VAL A 137 25.18 11.32 11.89
C VAL A 137 25.57 12.80 11.96
N ILE A 138 24.77 13.67 11.34
CA ILE A 138 25.06 15.14 11.26
C ILE A 138 24.95 15.72 12.67
N SER A 139 24.02 15.21 13.49
CA SER A 139 23.72 15.68 14.87
C SER A 139 24.76 15.13 15.85
N SER A 140 25.54 14.12 15.45
CA SER A 140 26.58 13.48 16.29
C SER A 140 27.82 14.39 16.40
N LYS A 141 27.96 15.36 15.49
CA LYS A 141 29.19 16.17 15.28
C LYS A 141 29.12 17.47 16.09
N PHE A 142 27.93 17.85 16.56
CA PHE A 142 27.76 19.03 17.46
C PHE A 142 28.21 18.62 18.86
N VAL A 143 28.55 19.59 19.70
CA VAL A 143 29.10 19.24 21.05
C VAL A 143 28.15 19.68 22.18
N ASP A 144 27.31 20.69 21.95
CA ASP A 144 26.42 21.21 23.02
C ASP A 144 25.74 20.07 23.75
N SER A 145 25.87 20.04 25.06
CA SER A 145 25.29 18.96 25.87
C SER A 145 23.79 18.86 25.64
N LYS A 146 23.08 19.97 25.72
CA LYS A 146 21.60 19.94 25.62
C LYS A 146 21.15 19.46 24.22
N PHE A 147 21.77 19.96 23.16
CA PHE A 147 21.41 19.59 21.77
C PHE A 147 21.67 18.10 21.52
N VAL A 148 22.74 17.57 22.08
CA VAL A 148 23.10 16.14 21.89
C VAL A 148 22.09 15.27 22.64
N GLU A 149 21.66 15.69 23.82
CA GLU A 149 20.64 14.93 24.58
C GLU A 149 19.29 15.03 23.89
N ALA A 150 18.94 16.20 23.37
CA ALA A 150 17.65 16.42 22.70
C ALA A 150 17.68 15.75 21.33
N SER A 151 18.86 15.56 20.76
CA SER A 151 19.03 14.83 19.48
C SER A 151 18.76 13.33 19.67
N LYS A 152 19.41 12.71 20.66
CA LYS A 152 19.24 11.27 21.00
C LYS A 152 17.76 10.96 21.27
N LYS A 153 17.09 11.82 22.04
CA LYS A 153 15.68 11.63 22.48
C LYS A 153 14.77 11.72 21.25
N PHE A 154 15.06 12.67 20.36
CA PHE A 154 14.35 12.95 19.09
C PHE A 154 14.47 11.74 18.17
N VAL A 155 15.69 11.25 17.97
CA VAL A 155 15.97 10.08 17.10
C VAL A 155 15.26 8.87 17.70
N ASN A 156 15.46 8.58 18.98
CA ASN A 156 14.72 7.48 19.64
C ASN A 156 13.23 7.67 19.40
N LYS A 157 12.66 8.83 19.73
CA LYS A 157 11.18 9.01 19.64
C LYS A 157 10.72 8.92 18.18
N ALA A 158 11.59 9.25 17.21
CA ALA A 158 11.27 9.31 15.77
C ALA A 158 11.27 7.90 15.16
N LYS A 159 12.13 7.01 15.65
CA LYS A 159 12.19 5.57 15.26
C LYS A 159 10.94 4.86 15.77
N GLU A 160 10.54 5.09 17.03
CA GLU A 160 9.29 4.53 17.59
C GLU A 160 8.14 4.92 16.66
N PHE A 161 8.17 6.13 16.09
CA PHE A 161 7.06 6.68 15.26
C PHE A 161 7.08 5.97 13.90
N VAL A 162 8.28 5.76 13.34
CA VAL A 162 8.49 5.01 12.07
C VAL A 162 8.06 3.54 12.27
N GLU A 163 8.24 2.98 13.46
CA GLU A 163 7.87 1.58 13.80
C GLU A 163 6.33 1.44 13.72
N GLU A 164 5.57 2.47 14.09
CA GLU A 164 4.09 2.51 14.02
C GLU A 164 3.61 2.73 12.57
N ASN A 165 4.03 3.81 11.91
CA ASN A 165 3.72 4.11 10.48
C ASN A 165 4.90 4.84 9.80
N ASP A 166 5.60 4.14 8.91
CA ASP A 166 6.84 4.63 8.26
C ASP A 166 6.55 5.95 7.52
N LEU A 167 5.53 6.02 6.66
CA LEU A 167 5.30 7.20 5.79
C LEU A 167 4.81 8.40 6.62
N ILE A 168 3.97 8.16 7.64
CA ILE A 168 3.39 9.25 8.48
C ILE A 168 4.55 9.82 9.27
N ALA A 169 5.29 8.93 9.94
CA ALA A 169 6.53 9.30 10.67
C ALA A 169 7.39 10.19 9.76
N LEU A 170 7.65 9.78 8.52
CA LEU A 170 8.61 10.47 7.63
C LEU A 170 8.19 11.91 7.40
N GLU A 171 6.91 12.15 7.14
CA GLU A 171 6.43 13.50 6.80
C GLU A 171 6.59 14.44 8.02
N CYS A 172 6.25 14.03 9.25
CA CYS A 172 6.35 14.93 10.45
C CYS A 172 7.84 15.12 10.77
N ILE A 173 8.70 14.10 10.54
CA ILE A 173 10.19 14.19 10.74
C ILE A 173 10.79 15.22 9.79
N VAL A 174 10.51 15.11 8.49
CA VAL A 174 11.00 16.05 7.43
C VAL A 174 10.55 17.48 7.77
N LYS A 175 9.28 17.66 8.16
CA LYS A 175 8.66 19.00 8.42
C LYS A 175 9.32 19.64 9.65
N THR A 176 9.69 18.83 10.63
CA THR A 176 10.41 19.21 11.87
C THR A 176 11.81 19.70 11.50
N ILE A 177 12.59 18.92 10.74
CA ILE A 177 13.96 19.34 10.32
C ILE A 177 13.83 20.70 9.60
N GLY A 178 12.94 20.79 8.61
CA GLY A 178 12.63 22.02 7.85
C GLY A 178 12.33 23.18 8.77
N ASP A 179 11.48 22.96 9.78
CA ASP A 179 11.06 24.02 10.73
C ASP A 179 12.34 24.56 11.39
N MET A 180 13.23 23.67 11.84
CA MET A 180 14.48 24.06 12.56
C MET A 180 15.46 24.70 11.59
N VAL A 181 15.56 24.21 10.36
CA VAL A 181 16.61 24.68 9.42
C VAL A 181 16.26 26.11 9.02
N ASN A 182 14.94 26.40 8.99
CA ASN A 182 14.43 27.67 8.45
C ASN A 182 13.86 28.61 9.51
N ASP A 183 14.31 28.53 10.77
CA ASP A 183 13.92 29.44 11.89
C ASP A 183 12.40 29.57 12.05
N ARG A 184 11.69 28.46 12.11
CA ARG A 184 10.23 28.46 12.39
C ARG A 184 10.03 27.58 13.64
N GLU A 185 9.07 27.92 14.47
CA GLU A 185 8.78 27.08 15.66
C GLU A 185 7.93 25.88 15.22
N ILE A 186 7.96 24.80 15.99
CA ILE A 186 7.25 23.55 15.61
C ILE A 186 5.79 23.58 16.04
N ASN A 187 4.89 23.09 15.18
CA ASN A 187 3.46 22.94 15.52
C ASN A 187 3.30 21.62 16.30
N SER A 188 2.92 21.71 17.57
CA SER A 188 2.80 20.52 18.45
C SER A 188 1.37 19.96 18.40
N ARG A 189 0.46 20.59 17.66
CA ARG A 189 -0.94 20.12 17.54
C ARG A 189 -0.91 18.85 16.68
N SER A 190 -1.57 17.79 17.12
CA SER A 190 -1.69 16.49 16.40
C SER A 190 -2.47 16.73 15.10
N ARG A 191 -2.15 15.97 14.04
CA ARG A 191 -2.79 16.10 12.70
C ARG A 191 -3.72 14.92 12.46
N TYR A 192 -3.85 14.02 13.44
CA TYR A 192 -4.56 12.72 13.29
C TYR A 192 -5.24 12.36 14.61
N ASP A 193 -5.85 13.35 15.27
CA ASP A 193 -6.51 13.23 16.61
C ASP A 193 -5.82 12.14 17.44
N ASN A 194 -4.48 12.08 17.39
CA ASN A 194 -3.58 11.13 18.10
C ASN A 194 -3.94 9.65 17.79
N PHE A 195 -4.45 9.37 16.59
CA PHE A 195 -4.62 7.98 16.05
C PHE A 195 -3.29 7.23 16.15
N TYR A 196 -2.20 7.87 15.70
CA TYR A 196 -0.82 7.33 15.80
C TYR A 196 -0.33 7.71 17.20
N LYS A 197 -0.26 6.72 18.09
CA LYS A 197 0.00 6.91 19.55
C LYS A 197 1.40 7.52 19.77
N LYS A 198 2.27 7.42 18.75
CA LYS A 198 3.70 7.79 18.83
C LYS A 198 3.96 9.23 18.39
N GLU A 199 2.97 9.92 17.82
CA GLU A 199 3.13 11.29 17.29
C GLU A 199 3.52 12.25 18.43
N ALA A 200 2.75 12.27 19.54
CA ALA A 200 2.79 13.34 20.57
C ALA A 200 4.16 13.40 21.23
N ASP A 201 4.71 12.26 21.68
CA ASP A 201 6.07 12.16 22.29
C ASP A 201 7.10 12.60 21.24
N PHE A 202 6.93 12.24 19.97
CA PHE A 202 7.86 12.68 18.90
C PHE A 202 7.81 14.21 18.78
N LEU A 203 6.61 14.79 18.76
CA LEU A 203 6.42 16.26 18.62
C LEU A 203 6.98 16.95 19.86
N GLY A 204 6.70 16.41 21.04
CA GLY A 204 7.26 16.93 22.29
C GLY A 204 8.78 17.02 22.20
N ALA A 205 9.41 15.99 21.62
CA ALA A 205 10.87 15.92 21.44
C ALA A 205 11.32 16.89 20.34
N ALA A 206 10.55 17.08 19.26
CA ALA A 206 10.90 18.04 18.19
C ALA A 206 10.91 19.48 18.74
N VAL A 207 10.05 19.82 19.69
CA VAL A 207 10.01 21.20 20.22
C VAL A 207 11.26 21.48 21.06
N GLU A 208 11.62 20.56 21.94
CA GLU A 208 12.82 20.69 22.81
C GLU A 208 14.10 20.80 21.99
N LEU A 209 14.20 20.05 20.90
CA LEU A 209 15.39 20.09 20.02
C LEU A 209 15.49 21.43 19.32
N GLU A 210 14.37 21.99 18.88
CA GLU A 210 14.36 23.28 18.16
C GLU A 210 14.82 24.39 19.10
N GLY A 211 14.49 24.30 20.39
CA GLY A 211 14.96 25.28 21.36
C GLY A 211 16.43 25.14 21.61
N ALA A 212 16.91 23.91 21.68
CA ALA A 212 18.36 23.67 21.83
C ALA A 212 19.10 24.04 20.54
N TYR A 213 18.53 23.78 19.36
CA TYR A 213 19.12 24.17 18.06
C TYR A 213 19.11 25.70 17.93
N LYS A 214 17.99 26.33 18.28
CA LYS A 214 17.85 27.80 18.27
C LYS A 214 19.00 28.37 19.13
N ALA A 215 19.21 27.81 20.32
CA ALA A 215 20.17 28.33 21.32
C ALA A 215 21.58 28.30 20.72
N ILE A 216 21.93 27.19 20.08
CA ILE A 216 23.22 27.11 19.33
C ILE A 216 23.26 28.19 18.24
N LYS A 217 22.25 28.28 17.38
CA LYS A 217 22.31 29.25 16.25
C LYS A 217 22.68 30.62 16.84
N GLN A 218 22.02 31.03 17.91
CA GLN A 218 22.08 32.39 18.51
C GLN A 218 23.50 32.76 18.96
N THR A 219 24.33 31.81 19.36
CA THR A 219 25.74 32.05 19.82
C THR A 219 26.55 32.62 18.65
N LEU A 220 26.05 32.50 17.43
CA LEU A 220 26.76 32.84 16.18
C LEU A 220 26.17 34.10 15.54
N LEU A 221 25.17 34.75 16.16
CA LEU A 221 24.48 35.95 15.59
C LEU A 221 24.71 37.18 16.49
N LYS B 3 -43.32 -26.55 -26.66
CA LYS B 3 -41.81 -26.37 -26.72
C LYS B 3 -41.46 -24.89 -26.94
N PRO B 4 -41.63 -24.00 -25.94
CA PRO B 4 -41.28 -22.58 -26.10
C PRO B 4 -39.80 -22.16 -25.98
N CYS B 5 -38.94 -22.94 -25.31
CA CYS B 5 -37.56 -22.51 -24.95
C CYS B 5 -36.52 -23.01 -25.93
N ASP B 6 -35.88 -22.10 -26.65
CA ASP B 6 -34.77 -22.44 -27.57
C ASP B 6 -33.48 -22.60 -26.75
N TYR B 7 -32.42 -23.03 -27.42
CA TYR B 7 -31.11 -23.15 -26.73
C TYR B 7 -30.76 -21.82 -26.08
N PRO B 8 -30.40 -21.85 -24.79
CA PRO B 8 -30.07 -20.63 -24.07
C PRO B 8 -28.70 -19.95 -24.33
N ASP B 9 -28.70 -18.62 -24.49
CA ASP B 9 -27.42 -17.87 -24.55
C ASP B 9 -27.13 -17.47 -23.09
N ILE B 10 -25.99 -17.89 -22.54
CA ILE B 10 -25.65 -17.61 -21.12
C ILE B 10 -24.36 -16.78 -21.04
N LYS B 11 -24.46 -15.56 -20.53
CA LYS B 11 -23.26 -14.72 -20.39
C LYS B 11 -22.37 -15.31 -19.27
N HIS B 12 -21.05 -15.37 -19.52
CA HIS B 12 -19.98 -15.85 -18.60
C HIS B 12 -20.03 -17.37 -18.35
N GLY B 13 -20.72 -18.15 -19.19
CA GLY B 13 -20.77 -19.61 -19.04
C GLY B 13 -21.52 -20.25 -20.20
N GLY B 14 -22.18 -21.38 -19.95
CA GLY B 14 -23.05 -22.10 -20.91
C GLY B 14 -23.46 -23.46 -20.40
N LEU B 15 -24.14 -24.26 -21.21
CA LEU B 15 -24.59 -25.60 -20.79
C LEU B 15 -23.41 -26.56 -20.87
N TYR B 16 -23.42 -27.55 -19.99
CA TYR B 16 -22.58 -28.76 -20.18
C TYR B 16 -23.10 -29.49 -21.43
N HIS B 17 -22.20 -30.14 -22.14
CA HIS B 17 -22.55 -31.08 -23.25
C HIS B 17 -23.37 -30.37 -24.34
N GLU B 18 -22.89 -29.26 -24.89
CA GLU B 18 -23.63 -28.49 -25.95
C GLU B 18 -24.04 -29.43 -27.10
N ASN B 19 -23.12 -30.21 -27.67
CA ASN B 19 -23.35 -30.95 -28.94
C ASN B 19 -24.25 -32.17 -28.70
N MET B 20 -24.10 -32.84 -27.54
CA MET B 20 -24.98 -33.93 -27.08
C MET B 20 -26.42 -33.41 -26.96
N ARG B 21 -26.64 -32.21 -26.39
CA ARG B 21 -27.98 -31.77 -25.92
C ARG B 21 -28.77 -30.95 -26.96
N ARG B 22 -28.10 -30.27 -27.89
CA ARG B 22 -28.74 -29.31 -28.84
C ARG B 22 -29.80 -29.99 -29.70
N PRO B 23 -29.60 -31.22 -30.25
CA PRO B 23 -30.60 -31.82 -31.12
C PRO B 23 -32.01 -31.87 -30.49
N TYR B 24 -32.09 -31.88 -29.16
CA TYR B 24 -33.36 -32.02 -28.40
C TYR B 24 -34.11 -30.69 -28.29
N PHE B 25 -33.52 -29.56 -28.67
CA PHE B 25 -34.14 -28.22 -28.50
C PHE B 25 -34.97 -27.88 -29.75
N PRO B 26 -36.07 -27.10 -29.66
CA PRO B 26 -36.50 -26.47 -28.41
C PRO B 26 -37.22 -27.42 -27.45
N VAL B 27 -37.46 -26.99 -26.20
CA VAL B 27 -37.79 -27.90 -25.06
C VAL B 27 -39.02 -27.40 -24.33
N ALA B 28 -39.76 -28.31 -23.70
CA ALA B 28 -41.00 -28.05 -22.94
C ALA B 28 -40.72 -27.28 -21.64
N VAL B 29 -41.67 -26.44 -21.22
CA VAL B 29 -41.76 -25.84 -19.86
C VAL B 29 -41.55 -26.97 -18.84
N GLY B 30 -40.71 -26.75 -17.82
CA GLY B 30 -40.46 -27.72 -16.74
C GLY B 30 -39.12 -28.43 -16.89
N LYS B 31 -38.56 -28.48 -18.10
CA LYS B 31 -37.25 -29.12 -18.42
C LYS B 31 -36.08 -28.23 -17.97
N TYR B 32 -35.00 -28.84 -17.47
CA TYR B 32 -33.84 -28.12 -16.88
C TYR B 32 -32.54 -28.80 -17.31
N TYR B 33 -31.43 -28.06 -17.22
CA TYR B 33 -30.11 -28.48 -17.76
C TYR B 33 -28.98 -27.93 -16.87
N SER B 34 -28.00 -28.79 -16.59
CA SER B 34 -26.77 -28.42 -15.86
C SER B 34 -26.04 -27.37 -16.68
N TYR B 35 -25.53 -26.32 -16.02
CA TYR B 35 -24.76 -25.22 -16.66
C TYR B 35 -23.62 -24.78 -15.74
N TYR B 36 -22.61 -24.11 -16.30
CA TYR B 36 -21.40 -23.66 -15.57
C TYR B 36 -21.24 -22.16 -15.77
N CYS B 37 -20.49 -21.53 -14.87
CA CYS B 37 -20.02 -20.13 -14.99
C CYS B 37 -18.49 -20.17 -15.05
N ASP B 38 -17.94 -19.25 -15.83
CA ASP B 38 -16.48 -19.16 -16.01
C ASP B 38 -15.86 -18.61 -14.73
N GLU B 39 -14.54 -18.67 -14.63
CA GLU B 39 -13.83 -18.19 -13.43
C GLU B 39 -14.20 -16.72 -13.19
N HIS B 40 -14.22 -16.31 -11.92
CA HIS B 40 -14.57 -14.91 -11.54
C HIS B 40 -16.08 -14.80 -11.45
N PHE B 41 -16.77 -15.85 -11.89
CA PHE B 41 -18.25 -15.81 -11.93
C PHE B 41 -18.85 -16.91 -11.05
N GLU B 42 -20.10 -16.74 -10.67
CA GLU B 42 -20.79 -17.59 -9.69
C GLU B 42 -22.26 -17.75 -10.09
N THR B 43 -22.82 -18.94 -9.92
CA THR B 43 -24.28 -19.19 -10.04
C THR B 43 -24.95 -18.58 -8.83
N PRO B 44 -26.26 -18.26 -8.87
CA PRO B 44 -26.97 -17.72 -7.71
C PRO B 44 -26.93 -18.63 -6.46
N SER B 45 -26.64 -19.92 -6.61
CA SER B 45 -26.44 -20.88 -5.50
C SER B 45 -25.00 -20.80 -4.96
N GLY B 46 -24.20 -19.85 -5.44
CA GLY B 46 -22.81 -19.66 -4.99
C GLY B 46 -21.90 -20.82 -5.38
N SER B 47 -22.08 -21.39 -6.57
CA SER B 47 -21.20 -22.50 -7.05
C SER B 47 -20.68 -22.20 -8.45
N TYR B 48 -19.95 -23.15 -9.02
CA TYR B 48 -19.45 -23.12 -10.42
C TYR B 48 -20.49 -23.72 -11.40
N TRP B 49 -21.48 -24.44 -10.87
CA TRP B 49 -22.59 -25.00 -11.68
C TRP B 49 -23.93 -24.93 -10.94
N ASP B 50 -25.01 -25.02 -11.72
CA ASP B 50 -26.42 -25.01 -11.29
C ASP B 50 -27.26 -25.60 -12.43
N HIS B 51 -28.59 -25.54 -12.33
CA HIS B 51 -29.51 -25.99 -13.39
C HIS B 51 -30.28 -24.76 -13.89
N ILE B 52 -30.44 -24.63 -15.20
CA ILE B 52 -31.26 -23.54 -15.80
C ILE B 52 -32.55 -24.19 -16.33
N HIS B 53 -33.71 -23.61 -15.98
CA HIS B 53 -35.07 -24.18 -16.16
C HIS B 53 -35.77 -23.46 -17.30
N CYS B 54 -36.54 -24.19 -18.13
CA CYS B 54 -37.44 -23.60 -19.14
C CYS B 54 -38.75 -23.18 -18.47
N THR B 55 -39.03 -21.87 -18.45
CA THR B 55 -40.18 -21.23 -17.77
C THR B 55 -41.08 -20.57 -18.84
N GLN B 56 -42.36 -20.38 -18.51
CA GLN B 56 -43.35 -19.72 -19.41
C GLN B 56 -42.81 -18.33 -19.75
N ASP B 57 -42.10 -17.73 -18.79
CA ASP B 57 -41.43 -16.39 -18.86
C ASP B 57 -39.98 -16.50 -19.37
N GLY B 58 -39.56 -17.65 -19.95
CA GLY B 58 -38.19 -17.85 -20.51
C GLY B 58 -37.28 -18.61 -19.55
N TRP B 59 -35.98 -18.45 -19.69
CA TRP B 59 -34.97 -19.25 -18.95
C TRP B 59 -34.81 -18.69 -17.54
N SER B 60 -34.66 -19.55 -16.52
CA SER B 60 -34.58 -19.16 -15.09
C SER B 60 -33.51 -20.03 -14.43
N PRO B 61 -32.53 -19.43 -13.70
CA PRO B 61 -32.46 -18.00 -13.46
C PRO B 61 -32.18 -17.09 -14.67
N ALA B 62 -32.79 -15.90 -14.68
CA ALA B 62 -32.70 -14.88 -15.74
C ALA B 62 -31.28 -14.32 -15.83
N VAL B 63 -30.60 -14.25 -14.69
CA VAL B 63 -29.16 -13.87 -14.67
C VAL B 63 -28.43 -15.07 -14.10
N PRO B 64 -27.99 -16.01 -14.96
CA PRO B 64 -27.42 -17.26 -14.48
C PRO B 64 -26.01 -17.21 -13.87
N CYS B 65 -25.19 -16.26 -14.29
CA CYS B 65 -23.80 -16.15 -13.79
C CYS B 65 -23.60 -14.76 -13.20
N LEU B 66 -23.04 -14.66 -11.99
CA LEU B 66 -22.87 -13.36 -11.30
C LEU B 66 -21.42 -13.14 -10.89
N ARG B 67 -21.04 -11.87 -10.76
CA ARG B 67 -19.65 -11.53 -10.42
C ARG B 67 -19.33 -11.87 -8.98
N LYS B 68 -18.18 -12.49 -8.80
CA LYS B 68 -17.62 -12.86 -7.49
C LYS B 68 -16.50 -11.85 -7.19
N CYS B 69 -16.68 -10.92 -6.27
CA CYS B 69 -15.61 -9.97 -5.85
C CYS B 69 -15.17 -10.28 -4.42
N TYR B 70 -13.88 -10.59 -4.24
CA TYR B 70 -13.20 -10.70 -2.93
C TYR B 70 -12.71 -9.31 -2.54
N PHE B 71 -13.12 -8.81 -1.37
CA PHE B 71 -12.69 -7.47 -0.89
C PHE B 71 -11.22 -7.56 -0.54
N PRO B 72 -10.37 -6.62 -1.04
CA PRO B 72 -8.93 -6.73 -0.85
C PRO B 72 -8.49 -6.24 0.54
N TYR B 73 -7.40 -6.80 1.04
CA TYR B 73 -6.54 -6.20 2.10
C TYR B 73 -6.20 -4.77 1.67
N LEU B 74 -6.35 -3.80 2.57
CA LEU B 74 -5.96 -2.39 2.30
C LEU B 74 -4.89 -2.00 3.31
N GLU B 75 -3.74 -1.56 2.81
CA GLU B 75 -2.49 -1.49 3.61
C GLU B 75 -2.64 -0.52 4.79
N ASN B 76 -3.15 0.69 4.55
CA ASN B 76 -3.37 1.66 5.65
C ASN B 76 -4.88 1.87 5.78
N GLY B 77 -5.65 0.77 5.79
CA GLY B 77 -7.12 0.77 5.81
C GLY B 77 -7.67 0.05 7.03
N TYR B 78 -8.92 0.35 7.40
CA TYR B 78 -9.74 -0.49 8.33
C TYR B 78 -10.11 -1.76 7.55
N ASN B 79 -9.67 -2.94 8.01
CA ASN B 79 -9.61 -4.18 7.18
C ASN B 79 -10.57 -5.28 7.66
N GLN B 80 -11.70 -4.97 8.31
CA GLN B 80 -12.73 -5.97 8.76
C GLN B 80 -13.10 -6.90 7.59
N ASN B 81 -13.19 -6.35 6.37
CA ASN B 81 -13.78 -7.03 5.19
C ASN B 81 -12.72 -7.76 4.35
N HIS B 82 -11.45 -7.80 4.79
CA HIS B 82 -10.30 -8.32 4.00
C HIS B 82 -10.62 -9.77 3.58
N GLY B 83 -10.68 -10.04 2.27
CA GLY B 83 -10.75 -11.41 1.71
C GLY B 83 -12.14 -12.05 1.75
N ARG B 84 -13.14 -11.38 2.34
CA ARG B 84 -14.56 -11.82 2.38
C ARG B 84 -15.12 -11.79 0.94
N LYS B 85 -15.99 -12.75 0.59
CA LYS B 85 -16.60 -12.90 -0.76
C LYS B 85 -17.90 -12.09 -0.82
N PHE B 86 -18.05 -11.27 -1.87
CA PHE B 86 -19.26 -10.47 -2.13
C PHE B 86 -19.75 -10.77 -3.54
N VAL B 87 -21.05 -10.58 -3.79
CA VAL B 87 -21.67 -10.85 -5.11
C VAL B 87 -21.97 -9.53 -5.85
N GLN B 88 -21.94 -9.59 -7.19
CA GLN B 88 -22.34 -8.50 -8.11
C GLN B 88 -23.61 -7.80 -7.60
N GLY B 89 -23.53 -6.49 -7.39
CA GLY B 89 -24.64 -5.63 -6.91
C GLY B 89 -24.36 -5.08 -5.52
N LYS B 90 -23.41 -5.69 -4.78
CA LYS B 90 -23.07 -5.34 -3.39
C LYS B 90 -22.20 -4.09 -3.35
N SER B 91 -22.61 -3.12 -2.53
CA SER B 91 -21.81 -1.94 -2.12
C SER B 91 -21.11 -2.23 -0.81
N ILE B 92 -19.91 -1.69 -0.61
CA ILE B 92 -19.27 -1.59 0.74
C ILE B 92 -18.67 -0.19 0.91
N ASP B 93 -18.93 0.41 2.08
CA ASP B 93 -18.36 1.73 2.50
C ASP B 93 -16.96 1.45 3.05
N VAL B 94 -15.96 2.06 2.42
CA VAL B 94 -14.51 1.77 2.65
C VAL B 94 -13.90 2.95 3.40
N ALA B 95 -13.05 2.67 4.38
CA ALA B 95 -12.43 3.69 5.25
C ALA B 95 -10.91 3.47 5.36
N CYS B 96 -10.13 4.54 5.16
CA CYS B 96 -8.65 4.53 5.38
C CYS B 96 -8.27 5.12 6.74
N HIS B 97 -7.13 4.68 7.26
CA HIS B 97 -6.48 5.28 8.46
C HIS B 97 -6.27 6.77 8.19
N PRO B 98 -6.43 7.66 9.19
CA PRO B 98 -6.05 9.07 9.03
C PRO B 98 -4.68 9.25 8.37
N GLY B 99 -4.54 10.29 7.54
CA GLY B 99 -3.35 10.52 6.73
C GLY B 99 -3.37 9.73 5.44
N TYR B 100 -4.39 8.87 5.25
CA TYR B 100 -4.61 8.10 4.00
C TYR B 100 -6.07 8.17 3.60
N ALA B 101 -6.32 8.11 2.31
CA ALA B 101 -7.70 8.25 1.81
C ALA B 101 -7.86 7.53 0.48
N LEU B 102 -9.10 7.35 0.07
CA LEU B 102 -9.39 6.71 -1.23
C LEU B 102 -9.31 7.79 -2.30
N PRO B 103 -8.89 7.45 -3.52
CA PRO B 103 -8.79 8.43 -4.57
C PRO B 103 -10.14 9.11 -4.84
N LYS B 104 -10.11 10.41 -5.16
CA LYS B 104 -11.34 11.15 -5.55
C LYS B 104 -12.26 11.30 -4.33
N ALA B 105 -11.78 10.92 -3.16
CA ALA B 105 -12.55 11.09 -1.90
C ALA B 105 -13.78 10.19 -1.89
N GLN B 106 -13.74 9.08 -2.60
CA GLN B 106 -14.90 8.17 -2.68
C GLN B 106 -14.95 7.29 -1.43
N THR B 107 -16.12 6.77 -1.07
CA THR B 107 -16.28 5.99 0.17
C THR B 107 -16.92 4.65 -0.16
N THR B 108 -17.60 4.57 -1.29
CA THR B 108 -18.39 3.38 -1.66
C THR B 108 -17.72 2.73 -2.88
N VAL B 109 -17.54 1.41 -2.82
CA VAL B 109 -17.13 0.57 -3.98
C VAL B 109 -18.21 -0.50 -4.16
N THR B 110 -18.54 -0.79 -5.42
CA THR B 110 -19.63 -1.74 -5.79
C THR B 110 -19.01 -2.87 -6.60
N CYS B 111 -19.44 -4.11 -6.36
CA CYS B 111 -19.08 -5.30 -7.19
C CYS B 111 -19.92 -5.24 -8.47
N MET B 112 -19.25 -4.95 -9.59
CA MET B 112 -19.86 -4.79 -10.93
C MET B 112 -19.34 -5.87 -11.89
N GLU B 113 -19.75 -5.82 -13.15
CA GLU B 113 -19.43 -6.82 -14.20
C GLU B 113 -17.90 -7.07 -14.22
N ASN B 114 -17.06 -6.03 -14.05
CA ASN B 114 -15.59 -6.18 -14.20
C ASN B 114 -14.85 -6.14 -12.87
N GLY B 115 -15.56 -6.37 -11.76
CA GLY B 115 -15.01 -6.34 -10.39
C GLY B 115 -15.32 -5.02 -9.71
N TRP B 116 -14.65 -4.74 -8.59
CA TRP B 116 -14.84 -3.53 -7.76
C TRP B 116 -14.76 -2.27 -8.64
N SER B 117 -15.62 -1.29 -8.38
CA SER B 117 -15.69 -0.01 -9.12
C SER B 117 -16.15 1.09 -8.16
N PRO B 118 -15.29 2.08 -7.83
CA PRO B 118 -13.89 2.12 -8.25
C PRO B 118 -13.06 1.04 -7.53
N THR B 119 -11.76 0.90 -7.86
CA THR B 119 -10.81 0.00 -7.13
C THR B 119 -10.43 0.65 -5.80
N PRO B 120 -10.69 0.04 -4.63
CA PRO B 120 -10.41 0.64 -3.34
C PRO B 120 -8.93 0.47 -2.97
N ARG B 121 -8.27 1.59 -2.70
CA ARG B 121 -6.86 1.63 -2.26
C ARG B 121 -6.69 2.86 -1.35
N CYS B 122 -5.86 2.77 -0.33
CA CYS B 122 -5.65 3.88 0.63
C CYS B 122 -4.38 4.62 0.24
N ILE B 123 -4.51 5.87 -0.22
CA ILE B 123 -3.34 6.57 -0.80
C ILE B 123 -2.89 7.76 0.06
N ARG B 124 -1.66 8.19 -0.14
CA ARG B 124 -1.08 9.30 0.64
C ARG B 124 -1.05 10.55 -0.24
ZN ZN C . 14.18 -13.82 -0.41
ZN ZN D . 11.67 27.10 20.42
N1 IMD E . -28.20 -14.22 -29.99
C2 IMD E . -28.16 -13.11 -30.78
N3 IMD E . -29.38 -12.61 -30.83
C4 IMD E . -30.12 -13.22 -29.86
C5 IMD E . -29.46 -14.35 -29.51
N1 IMD F . -23.69 -13.19 -30.34
C2 IMD F . -24.80 -13.92 -30.25
N3 IMD F . -24.92 -14.33 -29.00
C4 IMD F . -24.02 -13.63 -28.23
C5 IMD F . -23.24 -12.92 -29.07
N1 IMD G . -23.90 -21.23 -27.49
C2 IMD G . -24.33 -20.03 -26.88
N3 IMD G . -25.54 -19.69 -27.35
C4 IMD G . -25.96 -20.75 -28.12
C5 IMD G . -24.88 -21.54 -28.39
C1 PEG H . -24.66 -4.00 -10.49
O1 PEG H . -24.49 -3.00 -9.50
C2 PEG H . -23.43 -4.22 -11.32
O2 PEG H . -23.74 -4.12 -12.70
C3 PEG H . -22.62 -4.36 -13.54
C4 PEG H . -22.54 -3.34 -14.65
O4 PEG H . -21.22 -2.83 -14.80
N1 IMD I . -20.14 -21.22 -24.08
C2 IMD I . -20.03 -21.52 -25.38
N3 IMD I . -21.17 -22.07 -25.78
C4 IMD I . -22.08 -21.92 -24.77
C5 IMD I . -21.35 -21.71 -23.66
ZN ZN J . -22.49 -10.39 -15.96
ZN ZN K . -26.70 -15.34 -29.09
ZN ZN L . -22.28 -22.69 -27.57
ZN ZN M . -6.94 -12.75 7.27
ZN ZN N . -8.32 -14.45 -13.34
#